data_5ZVW
#
_entry.id   5ZVW
#
_cell.length_a   59.305
_cell.length_b   59.305
_cell.length_c   104.722
_cell.angle_alpha   90.00
_cell.angle_beta   90.00
_cell.angle_gamma   120.00
#
_symmetry.space_group_name_H-M   'P 32'
#
loop_
_entity.id
_entity.type
_entity.pdbx_description
1 polymer 'AimR transcriptional regulator'
2 polymer SER-ALA-ILE-ARG-GLY-ALA
3 water water
#
loop_
_entity_poly.entity_id
_entity_poly.type
_entity_poly.pdbx_seq_one_letter_code
_entity_poly.pdbx_strand_id
1 'polypeptide(L)'
;MIKNECEKDNQLAARLAKLAGYEKVNGFYKFVNTPEKEMENLGGLLKIVKNLFPDSEEQLLSEYFLELDPNKKCARQSVE
YSDINQWDTLTDKIIINLCNSKNSTSQEWGKVYSLHRKLNKNEISLNDAIRESGKCKIKSAEMLFFSNAMLMYAYLNIGE
FGLMKSTSKLLEFDDLPEGFIKESFKSRVSMLEANISLNENSLLEARQHSNRAIENSNVNRICFFAYLTIGNTLIFEDYD
EAKKAYIKGQKYAKNPVHQEMLDGALCFLSNIWKKENQWVNYNSDNIKYLQLRAFYYINQGNIEEATEILDELSSRDQDE
NELGFYYYYKGLISQDKTDYAKSIRYFKKSDDKYFIQLPLLQLERMGADLELLNLISI
;
A
2 'polypeptide(L)' SAIRGA B
#
# COMPACT_ATOMS: atom_id res chain seq x y z
N ASN A 33 -3.42 20.99 -28.10
CA ASN A 33 -4.88 21.05 -28.16
C ASN A 33 -5.44 20.25 -29.33
N THR A 34 -4.58 19.42 -29.91
CA THR A 34 -4.96 18.56 -31.03
C THR A 34 -5.95 17.50 -30.56
N PRO A 35 -6.65 16.82 -31.51
CA PRO A 35 -7.55 15.73 -31.11
C PRO A 35 -6.90 14.66 -30.23
N GLU A 36 -7.72 13.88 -29.54
CA GLU A 36 -7.21 12.97 -28.51
C GLU A 36 -6.34 11.86 -29.10
N LYS A 37 -6.59 11.48 -30.36
CA LYS A 37 -5.93 10.29 -30.90
C LYS A 37 -4.46 10.54 -31.21
N GLU A 38 -4.12 11.74 -31.68
CA GLU A 38 -2.77 12.04 -32.14
C GLU A 38 -1.96 12.82 -31.12
N MET A 39 -2.21 12.60 -29.84
CA MET A 39 -1.42 13.25 -28.80
C MET A 39 0.01 12.72 -28.79
N GLU A 40 0.96 13.57 -28.41
CA GLU A 40 2.37 13.24 -28.43
C GLU A 40 3.00 13.11 -27.04
N ASN A 41 2.57 13.93 -26.08
CA ASN A 41 3.15 13.88 -24.74
C ASN A 41 2.06 14.17 -23.72
N LEU A 42 1.63 13.13 -23.00
CA LEU A 42 0.79 13.36 -21.83
C LEU A 42 1.53 14.20 -20.79
N GLY A 43 2.83 13.95 -20.63
CA GLY A 43 3.66 14.66 -19.68
C GLY A 43 3.69 16.16 -19.87
N GLY A 44 3.07 16.69 -20.92
CA GLY A 44 2.90 18.11 -21.07
C GLY A 44 1.50 18.53 -20.68
N LEU A 45 0.51 17.77 -21.15
CA LEU A 45 -0.88 18.06 -20.82
C LEU A 45 -1.13 17.87 -19.33
N LEU A 46 -0.51 16.86 -18.71
CA LEU A 46 -0.68 16.67 -17.27
C LEU A 46 -0.12 17.84 -16.48
N LYS A 47 1.01 18.41 -16.92
CA LYS A 47 1.61 19.52 -16.20
C LYS A 47 0.83 20.83 -16.36
N ILE A 48 -0.21 20.86 -17.18
CA ILE A 48 -1.06 22.03 -17.29
C ILE A 48 -2.44 21.82 -16.69
N VAL A 49 -2.86 20.58 -16.48
CA VAL A 49 -4.14 20.35 -15.82
C VAL A 49 -3.99 20.37 -14.31
N LYS A 50 -2.87 19.88 -13.75
CA LYS A 50 -2.70 19.92 -12.30
C LYS A 50 -2.41 21.32 -11.79
N ASN A 51 -1.96 22.21 -12.66
CA ASN A 51 -1.69 23.58 -12.25
C ASN A 51 -2.88 24.49 -12.50
N LEU A 52 -3.77 24.05 -13.39
CA LEU A 52 -4.98 24.78 -13.72
C LEU A 52 -6.21 24.20 -13.01
N PHE A 53 -6.49 22.93 -13.25
CA PHE A 53 -7.64 22.27 -12.62
C PHE A 53 -7.18 21.16 -11.65
N PRO A 54 -6.42 21.51 -10.60
CA PRO A 54 -5.85 20.46 -9.75
C PRO A 54 -6.88 19.67 -8.96
N ASP A 55 -8.00 20.27 -8.59
CA ASP A 55 -8.97 19.62 -7.72
C ASP A 55 -9.95 18.72 -8.46
N SER A 56 -9.92 18.72 -9.80
CA SER A 56 -10.87 17.90 -10.55
C SER A 56 -10.20 17.14 -11.69
N GLU A 57 -8.90 16.87 -11.59
CA GLU A 57 -8.19 16.19 -12.68
C GLU A 57 -8.59 14.71 -12.80
N GLU A 58 -9.16 14.12 -11.75
CA GLU A 58 -9.59 12.73 -11.84
C GLU A 58 -10.76 12.58 -12.82
N GLN A 59 -11.81 13.38 -12.64
CA GLN A 59 -12.95 13.27 -13.55
C GLN A 59 -12.62 13.81 -14.94
N LEU A 60 -11.71 14.78 -15.03
CA LEU A 60 -11.36 15.36 -16.34
C LEU A 60 -10.64 14.35 -17.22
N LEU A 61 -9.63 13.67 -16.68
CA LEU A 61 -8.89 12.70 -17.47
C LEU A 61 -9.55 11.33 -17.50
N SER A 62 -10.53 11.06 -16.63
CA SER A 62 -11.32 9.84 -16.77
C SER A 62 -12.05 9.80 -18.10
N GLU A 63 -12.39 10.96 -18.66
CA GLU A 63 -12.99 11.01 -19.98
C GLU A 63 -11.96 11.21 -21.08
N TYR A 64 -10.81 11.82 -20.76
CA TYR A 64 -9.80 12.09 -21.78
C TYR A 64 -8.92 10.87 -22.04
N PHE A 65 -8.57 10.12 -21.00
CA PHE A 65 -7.69 8.96 -21.19
C PHE A 65 -8.35 7.90 -22.06
N LEU A 66 -9.67 7.72 -21.94
CA LEU A 66 -10.34 6.67 -22.70
C LEU A 66 -10.50 7.01 -24.17
N GLU A 67 -10.17 8.23 -24.59
CA GLU A 67 -10.23 8.62 -25.99
C GLU A 67 -8.88 8.56 -26.67
N LEU A 68 -7.85 8.08 -25.98
CA LEU A 68 -6.53 7.95 -26.58
C LEU A 68 -6.43 6.63 -27.35
N ASP A 69 -5.60 6.64 -28.37
CA ASP A 69 -5.38 5.44 -29.18
C ASP A 69 -4.64 4.39 -28.34
N PRO A 70 -5.22 3.21 -28.12
CA PRO A 70 -4.55 2.21 -27.27
C PRO A 70 -3.25 1.67 -27.86
N ASN A 71 -2.95 1.95 -29.13
CA ASN A 71 -1.72 1.49 -29.76
C ASN A 71 -0.55 2.44 -29.56
N LYS A 72 -0.79 3.63 -29.03
CA LYS A 72 0.25 4.64 -28.91
C LYS A 72 0.93 4.57 -27.54
N LYS A 73 2.02 5.32 -27.41
CA LYS A 73 2.75 5.38 -26.15
C LYS A 73 2.00 6.17 -25.10
N CYS A 74 1.17 7.13 -25.54
CA CYS A 74 0.41 7.95 -24.60
CA CYS A 74 0.42 7.96 -24.60
C CYS A 74 -0.57 7.12 -23.80
N ALA A 75 -1.25 6.17 -24.45
CA ALA A 75 -2.20 5.33 -23.74
C ALA A 75 -1.52 4.43 -22.73
N ARG A 76 -0.30 3.97 -23.02
CA ARG A 76 0.45 3.20 -22.04
C ARG A 76 0.87 4.07 -20.86
N GLN A 77 1.20 5.33 -21.11
CA GLN A 77 1.52 6.23 -20.01
C GLN A 77 0.29 6.51 -19.15
N SER A 78 -0.91 6.49 -19.75
CA SER A 78 -2.11 6.80 -18.97
C SER A 78 -2.44 5.71 -17.97
N VAL A 79 -2.19 4.44 -18.31
CA VAL A 79 -2.50 3.39 -17.33
C VAL A 79 -1.59 3.50 -16.11
N GLU A 80 -0.35 3.98 -16.29
CA GLU A 80 0.54 4.12 -15.14
C GLU A 80 0.15 5.33 -14.29
N TYR A 81 -0.25 6.42 -14.93
CA TYR A 81 -0.67 7.60 -14.18
C TYR A 81 -1.99 7.36 -13.47
N SER A 82 -2.89 6.58 -14.08
CA SER A 82 -4.14 6.24 -13.43
C SER A 82 -3.94 5.26 -12.28
N ASP A 83 -2.99 4.33 -12.41
CA ASP A 83 -2.76 3.35 -11.36
C ASP A 83 -1.96 3.93 -10.21
N ILE A 84 -0.97 4.79 -10.48
CA ILE A 84 -0.26 5.42 -9.37
C ILE A 84 -1.23 6.23 -8.54
N ASN A 85 -2.18 6.91 -9.18
CA ASN A 85 -3.25 7.60 -8.48
C ASN A 85 -4.29 6.67 -7.90
N GLN A 86 -4.26 5.38 -8.25
CA GLN A 86 -5.27 4.41 -7.81
C GLN A 86 -6.68 4.89 -8.15
N TRP A 87 -6.85 5.37 -9.38
CA TRP A 87 -8.17 5.58 -9.97
C TRP A 87 -8.60 4.24 -10.55
N ASP A 88 -9.04 3.35 -9.65
CA ASP A 88 -9.22 1.95 -10.01
C ASP A 88 -10.24 1.76 -11.13
N THR A 89 -11.36 2.48 -11.08
CA THR A 89 -12.35 2.38 -12.14
C THR A 89 -11.76 2.79 -13.48
N LEU A 90 -10.97 3.87 -13.49
CA LEU A 90 -10.37 4.33 -14.74
C LEU A 90 -9.27 3.36 -15.18
N THR A 91 -8.44 2.88 -14.24
CA THR A 91 -7.35 1.98 -14.59
C THR A 91 -7.86 0.70 -15.24
N ASP A 92 -8.95 0.12 -14.72
CA ASP A 92 -9.41 -1.16 -15.24
C ASP A 92 -9.92 -1.04 -16.67
N LYS A 93 -10.40 0.14 -17.07
CA LYS A 93 -10.90 0.33 -18.43
C LYS A 93 -9.77 0.62 -19.42
N ILE A 94 -8.73 1.32 -18.99
CA ILE A 94 -7.57 1.52 -19.86
C ILE A 94 -6.88 0.19 -20.14
N ILE A 95 -6.87 -0.71 -19.15
CA ILE A 95 -6.23 -2.02 -19.33
C ILE A 95 -6.97 -2.83 -20.37
N ILE A 96 -8.31 -2.77 -20.34
CA ILE A 96 -9.10 -3.47 -21.35
C ILE A 96 -8.74 -2.98 -22.74
N ASN A 97 -8.61 -1.66 -22.91
CA ASN A 97 -8.23 -1.11 -24.20
C ASN A 97 -6.82 -1.53 -24.60
N LEU A 98 -5.91 -1.66 -23.62
CA LEU A 98 -4.56 -2.09 -23.95
C LEU A 98 -4.50 -3.57 -24.30
N CYS A 99 -5.28 -4.40 -23.59
CA CYS A 99 -5.30 -5.84 -23.89
C CYS A 99 -5.97 -6.11 -25.23
N ASN A 100 -7.04 -5.40 -25.53
CA ASN A 100 -7.73 -5.56 -26.81
C ASN A 100 -7.04 -4.83 -27.94
N SER A 101 -5.98 -4.08 -27.67
CA SER A 101 -5.20 -3.46 -28.72
C SER A 101 -4.39 -4.52 -29.46
N LYS A 102 -3.75 -4.10 -30.56
CA LYS A 102 -2.99 -5.02 -31.39
C LYS A 102 -1.55 -4.55 -31.63
N ASN A 103 -1.05 -3.64 -30.81
CA ASN A 103 0.36 -3.31 -30.78
C ASN A 103 1.00 -4.08 -29.64
N SER A 104 2.05 -4.84 -29.95
CA SER A 104 2.60 -5.81 -29.00
C SER A 104 2.99 -5.18 -27.68
N THR A 105 3.53 -3.96 -27.71
CA THR A 105 3.93 -3.29 -26.46
C THR A 105 2.71 -2.93 -25.62
N SER A 106 1.64 -2.48 -26.26
CA SER A 106 0.43 -2.15 -25.51
C SER A 106 -0.23 -3.40 -24.93
N GLN A 107 -0.20 -4.51 -25.66
CA GLN A 107 -0.73 -5.76 -25.14
C GLN A 107 0.08 -6.23 -23.92
N GLU A 108 1.40 -6.03 -23.96
CA GLU A 108 2.24 -6.39 -22.83
C GLU A 108 1.95 -5.52 -21.61
N TRP A 109 1.85 -4.20 -21.81
CA TRP A 109 1.54 -3.31 -20.70
C TRP A 109 0.17 -3.62 -20.11
N GLY A 110 -0.81 -3.91 -20.97
CA GLY A 110 -2.15 -4.18 -20.47
C GLY A 110 -2.25 -5.45 -19.66
N LYS A 111 -1.50 -6.48 -20.06
CA LYS A 111 -1.57 -7.73 -19.33
C LYS A 111 -0.82 -7.65 -18.01
N VAL A 112 0.31 -6.93 -17.97
CA VAL A 112 1.06 -6.80 -16.73
C VAL A 112 0.24 -6.01 -15.72
N TYR A 113 -0.30 -4.87 -16.13
CA TYR A 113 -1.15 -4.11 -15.23
C TYR A 113 -2.43 -4.88 -14.88
N SER A 114 -2.88 -5.79 -15.76
CA SER A 114 -4.04 -6.60 -15.43
C SER A 114 -3.75 -7.52 -14.26
N LEU A 115 -2.58 -8.18 -14.27
CA LEU A 115 -2.18 -9.02 -13.14
C LEU A 115 -1.96 -8.19 -11.88
N HIS A 116 -1.48 -6.96 -12.03
CA HIS A 116 -1.31 -6.08 -10.89
C HIS A 116 -2.65 -5.77 -10.23
N ARG A 117 -3.66 -5.41 -11.04
CA ARG A 117 -4.97 -5.14 -10.47
C ARG A 117 -5.60 -6.38 -9.85
N LYS A 118 -5.38 -7.56 -10.46
CA LYS A 118 -5.91 -8.79 -9.89
C LYS A 118 -5.33 -9.04 -8.50
N LEU A 119 -4.03 -8.78 -8.32
CA LEU A 119 -3.42 -8.92 -7.01
C LEU A 119 -3.94 -7.88 -6.02
N ASN A 120 -4.25 -6.67 -6.51
CA ASN A 120 -4.83 -5.65 -5.64
C ASN A 120 -6.24 -6.02 -5.18
N LYS A 121 -7.05 -6.58 -6.08
CA LYS A 121 -8.43 -6.91 -5.78
C LYS A 121 -8.60 -8.32 -5.21
N ASN A 122 -7.49 -9.01 -4.90
CA ASN A 122 -7.50 -10.34 -4.29
C ASN A 122 -8.25 -11.37 -5.13
N GLU A 123 -8.33 -11.18 -6.45
CA GLU A 123 -8.99 -12.16 -7.29
C GLU A 123 -8.02 -13.18 -7.89
N ILE A 124 -6.73 -13.04 -7.61
CA ILE A 124 -5.73 -14.05 -7.95
C ILE A 124 -4.75 -14.14 -6.80
N SER A 125 -4.26 -15.35 -6.56
CA SER A 125 -3.32 -15.56 -5.46
C SER A 125 -1.91 -15.23 -5.90
N LEU A 126 -1.05 -14.93 -4.92
CA LEU A 126 0.33 -14.60 -5.23
C LEU A 126 1.07 -15.80 -5.82
N ASN A 127 0.80 -17.00 -5.32
CA ASN A 127 1.43 -18.20 -5.85
C ASN A 127 1.04 -18.44 -7.30
N ASP A 128 -0.21 -18.15 -7.67
CA ASP A 128 -0.64 -18.26 -9.05
C ASP A 128 -0.20 -17.07 -9.90
N ALA A 129 0.14 -15.93 -9.29
CA ALA A 129 0.57 -14.79 -10.08
C ALA A 129 1.99 -14.98 -10.60
N ILE A 130 2.87 -15.56 -9.80
CA ILE A 130 4.25 -15.76 -10.24
C ILE A 130 4.29 -16.80 -11.36
N ARG A 131 3.37 -17.76 -11.35
CA ARG A 131 3.32 -18.76 -12.42
C ARG A 131 2.80 -18.16 -13.72
N GLU A 132 1.79 -17.28 -13.64
CA GLU A 132 1.24 -16.63 -14.84
C GLU A 132 2.33 -15.86 -15.59
N SER A 133 2.98 -14.92 -14.90
CA SER A 133 3.97 -14.02 -15.51
C SER A 133 5.09 -14.76 -16.24
N GLY A 134 5.28 -16.05 -15.99
CA GLY A 134 6.37 -16.80 -16.59
C GLY A 134 6.18 -17.12 -18.06
N LYS A 135 4.95 -17.43 -18.47
CA LYS A 135 4.69 -17.90 -19.83
C LYS A 135 4.12 -16.76 -20.67
N CYS A 136 5.02 -15.92 -21.20
CA CYS A 136 4.59 -14.97 -22.23
C CYS A 136 5.71 -14.63 -23.22
N LYS A 137 6.80 -13.94 -22.84
CA LYS A 137 7.10 -13.29 -21.56
C LYS A 137 7.08 -11.77 -21.78
N ILE A 138 7.94 -11.05 -21.07
CA ILE A 138 8.03 -9.60 -21.16
C ILE A 138 9.41 -9.22 -21.68
N LYS A 139 9.47 -8.22 -22.57
CA LYS A 139 10.73 -7.75 -23.11
C LYS A 139 10.97 -6.25 -23.00
N SER A 140 9.96 -5.45 -22.66
CA SER A 140 10.18 -4.04 -22.43
C SER A 140 10.77 -3.81 -21.04
N ALA A 141 11.73 -2.88 -20.96
CA ALA A 141 12.40 -2.64 -19.68
C ALA A 141 11.44 -2.09 -18.63
N GLU A 142 10.39 -1.37 -19.05
CA GLU A 142 9.43 -0.83 -18.09
C GLU A 142 8.62 -1.94 -17.43
N MET A 143 8.04 -2.83 -18.24
CA MET A 143 7.23 -3.91 -17.69
C MET A 143 8.06 -5.00 -17.05
N LEU A 144 9.32 -5.15 -17.46
CA LEU A 144 10.22 -6.02 -16.71
C LEU A 144 10.54 -5.44 -15.34
N PHE A 145 10.68 -4.11 -15.27
CA PHE A 145 10.85 -3.46 -13.97
C PHE A 145 9.59 -3.56 -13.14
N PHE A 146 8.43 -3.22 -13.73
CA PHE A 146 7.18 -3.18 -12.97
C PHE A 146 6.73 -4.56 -12.50
N SER A 147 7.09 -5.62 -13.22
CA SER A 147 6.74 -6.97 -12.78
C SER A 147 7.26 -7.27 -11.38
N ASN A 148 8.50 -6.84 -11.09
CA ASN A 148 9.03 -7.07 -9.75
C ASN A 148 8.45 -6.09 -8.73
N ALA A 149 8.27 -4.82 -9.12
CA ALA A 149 7.65 -3.86 -8.22
C ALA A 149 6.24 -4.28 -7.85
N MET A 150 5.48 -4.81 -8.83
CA MET A 150 4.13 -5.30 -8.55
C MET A 150 4.12 -6.33 -7.44
N LEU A 151 5.07 -7.27 -7.46
CA LEU A 151 5.16 -8.29 -6.43
C LEU A 151 5.49 -7.68 -5.07
N MET A 152 6.26 -6.60 -5.05
CA MET A 152 6.58 -5.95 -3.78
C MET A 152 5.34 -5.40 -3.11
N TYR A 153 4.37 -4.89 -3.88
CA TYR A 153 3.11 -4.48 -3.28
C TYR A 153 2.38 -5.66 -2.66
N ALA A 154 2.36 -6.80 -3.35
CA ALA A 154 1.67 -7.97 -2.81
C ALA A 154 2.38 -8.49 -1.56
N TYR A 155 3.73 -8.53 -1.61
CA TYR A 155 4.50 -8.91 -0.42
C TYR A 155 4.17 -8.02 0.76
N LEU A 156 4.09 -6.72 0.53
CA LEU A 156 3.69 -5.80 1.60
C LEU A 156 2.29 -6.11 2.10
N ASN A 157 1.37 -6.43 1.18
CA ASN A 157 -0.02 -6.64 1.56
C ASN A 157 -0.18 -7.85 2.49
N ILE A 158 0.58 -8.92 2.25
CA ILE A 158 0.44 -10.15 3.02
C ILE A 158 1.59 -10.33 4.02
N GLY A 159 2.31 -9.28 4.34
CA GLY A 159 3.32 -9.35 5.38
C GLY A 159 4.50 -10.25 5.09
N GLU A 160 4.92 -10.35 3.84
CA GLU A 160 6.14 -11.10 3.51
C GLU A 160 7.28 -10.10 3.29
N PHE A 161 7.73 -9.53 4.42
CA PHE A 161 8.69 -8.42 4.35
C PHE A 161 10.09 -8.88 3.99
N GLY A 162 10.40 -10.17 4.17
CA GLY A 162 11.68 -10.68 3.70
C GLY A 162 11.76 -10.70 2.18
N LEU A 163 10.68 -11.10 1.51
CA LEU A 163 10.65 -11.09 0.05
C LEU A 163 10.62 -9.67 -0.48
N MET A 164 9.93 -8.77 0.22
CA MET A 164 9.87 -7.39 -0.24
C MET A 164 11.24 -6.72 -0.16
N LYS A 165 11.91 -6.84 1.00
CA LYS A 165 13.27 -6.33 1.13
C LYS A 165 14.16 -6.86 0.01
N SER A 166 14.21 -8.18 -0.15
CA SER A 166 15.12 -8.77 -1.13
C SER A 166 14.74 -8.43 -2.57
N THR A 167 13.45 -8.35 -2.89
CA THR A 167 13.04 -8.02 -4.25
C THR A 167 13.50 -6.63 -4.67
N SER A 168 13.48 -5.66 -3.75
CA SER A 168 13.86 -4.29 -4.12
C SER A 168 15.30 -4.19 -4.59
N LYS A 169 16.16 -5.15 -4.24
CA LYS A 169 17.54 -5.15 -4.72
C LYS A 169 17.63 -5.51 -6.20
N LEU A 170 16.58 -6.10 -6.77
CA LEU A 170 16.56 -6.47 -8.18
C LEU A 170 15.99 -5.38 -9.07
N LEU A 171 15.52 -4.28 -8.48
CA LEU A 171 15.04 -3.12 -9.23
C LEU A 171 16.26 -2.27 -9.60
N GLU A 172 16.65 -2.28 -10.87
CA GLU A 172 17.75 -1.46 -11.34
C GLU A 172 17.18 -0.33 -12.20
N PHE A 173 17.29 0.90 -11.70
CA PHE A 173 16.78 2.05 -12.43
C PHE A 173 17.62 2.38 -13.67
N ASP A 174 18.87 1.88 -13.74
CA ASP A 174 19.70 2.15 -14.91
C ASP A 174 19.19 1.45 -16.15
N ASP A 175 18.34 0.42 -15.99
CA ASP A 175 17.69 -0.24 -17.12
C ASP A 175 16.54 0.57 -17.69
N LEU A 176 16.09 1.62 -16.99
CA LEU A 176 14.94 2.41 -17.45
C LEU A 176 15.41 3.70 -18.09
N PRO A 177 14.88 4.06 -19.26
CA PRO A 177 15.25 5.35 -19.86
C PRO A 177 14.58 6.49 -19.10
N GLU A 178 15.25 7.64 -19.09
CA GLU A 178 14.71 8.79 -18.39
C GLU A 178 13.44 9.27 -19.07
N GLY A 179 12.50 9.77 -18.26
CA GLY A 179 11.25 10.28 -18.81
C GLY A 179 10.13 10.17 -17.79
N PHE A 180 8.91 10.17 -18.32
CA PHE A 180 7.73 10.21 -17.47
C PHE A 180 7.62 8.97 -16.60
N ILE A 181 7.77 7.78 -17.20
CA ILE A 181 7.58 6.53 -16.46
C ILE A 181 8.64 6.39 -15.37
N LYS A 182 9.90 6.66 -15.70
CA LYS A 182 10.97 6.48 -14.73
C LYS A 182 10.72 7.33 -13.48
N GLU A 183 10.35 8.60 -13.66
CA GLU A 183 10.05 9.45 -12.51
C GLU A 183 8.84 8.93 -11.73
N SER A 184 7.87 8.33 -12.42
CA SER A 184 6.72 7.77 -11.73
C SER A 184 7.11 6.51 -10.96
N PHE A 185 7.99 5.68 -11.54
CA PHE A 185 8.45 4.49 -10.81
C PHE A 185 9.33 4.86 -9.63
N LYS A 186 10.16 5.91 -9.79
CA LYS A 186 10.94 6.41 -8.66
C LYS A 186 10.06 6.80 -7.48
N SER A 187 8.90 7.42 -7.75
CA SER A 187 7.96 7.73 -6.67
C SER A 187 7.44 6.46 -6.02
N ARG A 188 7.06 5.45 -6.81
CA ARG A 188 6.58 4.20 -6.24
C ARG A 188 7.65 3.57 -5.35
N VAL A 189 8.89 3.52 -5.85
CA VAL A 189 9.95 2.83 -5.13
C VAL A 189 10.35 3.58 -3.87
N SER A 190 10.32 4.92 -3.90
CA SER A 190 10.59 5.67 -2.67
C SER A 190 9.66 5.26 -1.55
N MET A 191 8.39 4.99 -1.86
CA MET A 191 7.45 4.60 -0.82
C MET A 191 7.57 3.13 -0.45
N LEU A 192 7.92 2.27 -1.42
CA LEU A 192 8.23 0.89 -1.08
C LEU A 192 9.46 0.81 -0.16
N GLU A 193 10.50 1.58 -0.48
CA GLU A 193 11.69 1.60 0.36
C GLU A 193 11.43 2.21 1.72
N ALA A 194 10.48 3.15 1.83
CA ALA A 194 10.13 3.68 3.14
C ALA A 194 9.53 2.60 4.03
N ASN A 195 8.71 1.72 3.46
CA ASN A 195 8.13 0.62 4.25
C ASN A 195 9.14 -0.46 4.56
N ILE A 196 10.11 -0.69 3.66
CA ILE A 196 11.19 -1.61 3.97
C ILE A 196 12.01 -1.07 5.15
N SER A 197 12.34 0.21 5.13
CA SER A 197 13.08 0.79 6.25
C SER A 197 12.27 0.74 7.53
N LEU A 198 10.96 0.94 7.44
CA LEU A 198 10.12 0.87 8.63
C LEU A 198 10.13 -0.53 9.23
N ASN A 199 9.95 -1.56 8.39
CA ASN A 199 9.92 -2.93 8.88
C ASN A 199 11.25 -3.33 9.52
N GLU A 200 12.35 -2.73 9.10
CA GLU A 200 13.65 -3.01 9.68
C GLU A 200 13.98 -2.10 10.86
N ASN A 201 13.00 -1.37 11.38
CA ASN A 201 13.19 -0.47 12.52
C ASN A 201 14.22 0.62 12.22
N SER A 202 14.28 1.06 10.97
CA SER A 202 15.14 2.18 10.57
C SER A 202 14.23 3.38 10.35
N LEU A 203 13.84 4.01 11.47
CA LEU A 203 12.79 5.02 11.44
C LEU A 203 13.26 6.29 10.72
N LEU A 204 14.51 6.68 10.93
CA LEU A 204 15.03 7.87 10.26
C LEU A 204 15.13 7.64 8.75
N GLU A 205 15.55 6.46 8.33
CA GLU A 205 15.61 6.15 6.91
C GLU A 205 14.22 6.11 6.30
N ALA A 206 13.25 5.54 7.03
CA ALA A 206 11.87 5.51 6.55
C ALA A 206 11.32 6.92 6.37
N ARG A 207 11.64 7.84 7.30
CA ARG A 207 11.14 9.20 7.16
C ARG A 207 11.82 9.93 6.02
N GLN A 208 13.11 9.63 5.77
CA GLN A 208 13.81 10.24 4.64
C GLN A 208 13.22 9.81 3.31
N HIS A 209 12.96 8.50 3.14
CA HIS A 209 12.32 8.03 1.93
C HIS A 209 10.92 8.63 1.76
N SER A 210 10.14 8.67 2.85
CA SER A 210 8.82 9.29 2.79
C SER A 210 8.91 10.78 2.45
N ASN A 211 9.93 11.47 2.96
CA ASN A 211 10.06 12.90 2.65
C ASN A 211 10.48 13.12 1.21
N ARG A 212 11.32 12.23 0.66
CA ARG A 212 11.71 12.39 -0.73
C ARG A 212 10.57 12.08 -1.68
N ALA A 213 9.69 11.14 -1.32
CA ALA A 213 8.50 10.90 -2.12
C ALA A 213 7.59 12.13 -2.15
N ILE A 214 7.49 12.84 -1.02
CA ILE A 214 6.68 14.06 -0.99
C ILE A 214 7.32 15.15 -1.85
N GLU A 215 8.62 15.37 -1.69
CA GLU A 215 9.28 16.47 -2.37
C GLU A 215 9.29 16.31 -3.89
N ASN A 216 9.18 15.09 -4.41
CA ASN A 216 9.30 14.88 -5.85
C ASN A 216 8.06 14.23 -6.46
N SER A 217 6.90 14.39 -5.81
CA SER A 217 5.66 13.88 -6.38
C SER A 217 4.49 14.79 -6.01
N ASN A 218 3.51 14.81 -6.90
CA ASN A 218 2.25 15.53 -6.68
C ASN A 218 1.06 14.61 -6.57
N VAL A 219 1.25 13.31 -6.73
CA VAL A 219 0.15 12.35 -6.68
C VAL A 219 -0.38 12.23 -5.26
N ASN A 220 -1.71 12.28 -5.12
CA ASN A 220 -2.32 12.21 -3.79
C ASN A 220 -2.00 10.89 -3.10
N ARG A 221 -2.03 9.78 -3.86
CA ARG A 221 -1.73 8.47 -3.28
C ARG A 221 -0.33 8.43 -2.69
N ILE A 222 0.66 8.97 -3.41
CA ILE A 222 2.03 8.98 -2.92
C ILE A 222 2.14 9.82 -1.66
N CYS A 223 1.56 11.03 -1.67
CA CYS A 223 1.62 11.87 -0.48
C CYS A 223 0.87 11.24 0.68
N PHE A 224 -0.24 10.55 0.40
CA PHE A 224 -0.99 9.94 1.49
C PHE A 224 -0.19 8.85 2.20
N PHE A 225 0.40 7.93 1.43
CA PHE A 225 1.16 6.84 2.04
C PHE A 225 2.45 7.37 2.67
N ALA A 226 3.02 8.44 2.11
CA ALA A 226 4.19 9.05 2.73
C ALA A 226 3.87 9.54 4.14
N TYR A 227 2.77 10.26 4.31
CA TYR A 227 2.41 10.74 5.65
C TYR A 227 1.89 9.61 6.53
N LEU A 228 1.24 8.60 5.94
CA LEU A 228 0.86 7.43 6.72
C LEU A 228 2.08 6.71 7.27
N THR A 229 3.14 6.58 6.45
CA THR A 229 4.36 5.94 6.90
C THR A 229 5.10 6.79 7.93
N ILE A 230 5.18 8.10 7.70
CA ILE A 230 5.79 8.99 8.70
C ILE A 230 5.14 8.78 10.06
N GLY A 231 3.80 8.79 10.08
CA GLY A 231 3.10 8.57 11.33
C GLY A 231 3.38 7.21 11.93
N ASN A 232 3.43 6.17 11.11
CA ASN A 232 3.77 4.84 11.61
C ASN A 232 5.11 4.81 12.33
N THR A 233 6.09 5.60 11.86
CA THR A 233 7.40 5.60 12.52
C THR A 233 7.39 6.30 13.87
N LEU A 234 6.34 7.07 14.18
CA LEU A 234 6.25 7.83 15.42
C LEU A 234 5.25 7.24 16.41
N ILE A 235 4.68 6.06 16.11
CA ILE A 235 3.64 5.48 16.95
C ILE A 235 4.11 5.34 18.39
N PHE A 236 5.33 4.83 18.60
CA PHE A 236 5.84 4.59 19.93
C PHE A 236 6.69 5.73 20.47
N GLU A 237 7.11 6.67 19.61
CA GLU A 237 7.91 7.81 20.08
C GLU A 237 7.02 8.85 20.75
N ASP A 238 6.11 9.45 19.98
CA ASP A 238 5.24 10.51 20.48
C ASP A 238 3.87 10.41 19.83
N TYR A 239 2.82 10.46 20.65
CA TYR A 239 1.47 10.36 20.11
C TYR A 239 1.13 11.58 19.26
N ASP A 240 1.38 12.77 19.79
CA ASP A 240 0.99 13.98 19.07
C ASP A 240 1.68 14.09 17.73
N GLU A 241 3.01 13.86 17.70
CA GLU A 241 3.74 14.00 16.44
C GLU A 241 3.30 12.93 15.43
N ALA A 242 2.98 11.73 15.88
CA ALA A 242 2.37 10.73 14.99
C ALA A 242 1.02 11.20 14.49
N LYS A 243 0.19 11.76 15.38
CA LYS A 243 -1.11 12.26 14.95
C LYS A 243 -0.98 13.44 14.01
N LYS A 244 0.04 14.30 14.23
CA LYS A 244 0.27 15.42 13.32
C LYS A 244 0.55 14.94 11.91
N ALA A 245 1.23 13.80 11.77
CA ALA A 245 1.52 13.26 10.45
C ALA A 245 0.26 12.65 9.82
N TYR A 246 -0.55 11.94 10.61
CA TYR A 246 -1.80 11.40 10.08
C TYR A 246 -2.77 12.52 9.70
N ILE A 247 -2.73 13.65 10.41
CA ILE A 247 -3.58 14.79 10.08
C ILE A 247 -3.19 15.37 8.72
N LYS A 248 -1.89 15.43 8.44
CA LYS A 248 -1.46 15.85 7.10
C LYS A 248 -1.92 14.85 6.05
N GLY A 249 -1.84 13.56 6.35
CA GLY A 249 -2.29 12.55 5.40
C GLY A 249 -3.78 12.58 5.14
N GLN A 250 -4.56 13.14 6.07
CA GLN A 250 -6.00 13.29 5.83
C GLN A 250 -6.27 14.17 4.61
N LYS A 251 -5.42 15.17 4.38
CA LYS A 251 -5.60 16.06 3.24
C LYS A 251 -5.43 15.36 1.90
N TYR A 252 -4.89 14.14 1.90
CA TYR A 252 -4.72 13.38 0.67
C TYR A 252 -5.56 12.11 0.64
N ALA A 253 -6.47 11.95 1.59
CA ALA A 253 -7.21 10.69 1.78
C ALA A 253 -8.58 10.73 1.11
N LYS A 254 -8.65 11.30 -0.09
CA LYS A 254 -9.92 11.40 -0.79
C LYS A 254 -10.46 10.02 -1.18
N ASN A 255 -9.60 9.11 -1.61
CA ASN A 255 -9.98 7.72 -1.92
C ASN A 255 -10.55 7.03 -0.68
N PRO A 256 -11.80 6.56 -0.69
CA PRO A 256 -12.37 5.94 0.52
C PRO A 256 -11.61 4.72 1.01
N VAL A 257 -10.86 4.04 0.13
CA VAL A 257 -9.95 2.99 0.59
C VAL A 257 -8.82 3.60 1.41
N HIS A 258 -8.23 4.69 0.93
CA HIS A 258 -7.23 5.39 1.72
C HIS A 258 -7.82 5.93 3.03
N GLN A 259 -9.07 6.38 2.99
CA GLN A 259 -9.70 6.85 4.22
C GLN A 259 -9.82 5.75 5.24
N GLU A 260 -10.25 4.56 4.82
CA GLU A 260 -10.35 3.42 5.73
C GLU A 260 -8.99 3.08 6.34
N MET A 261 -7.92 3.18 5.56
CA MET A 261 -6.59 2.87 6.07
C MET A 261 -6.12 3.89 7.10
N LEU A 262 -6.35 5.18 6.82
CA LEU A 262 -6.00 6.22 7.79
C LEU A 262 -6.82 6.09 9.07
N ASP A 263 -8.10 5.75 8.94
CA ASP A 263 -8.91 5.48 10.11
C ASP A 263 -8.34 4.33 10.94
N GLY A 264 -7.86 3.28 10.27
CA GLY A 264 -7.26 2.18 10.99
C GLY A 264 -5.98 2.57 11.70
N ALA A 265 -5.17 3.42 11.05
CA ALA A 265 -3.94 3.89 11.70
C ALA A 265 -4.26 4.76 12.90
N LEU A 266 -5.23 5.66 12.76
CA LEU A 266 -5.66 6.48 13.89
C LEU A 266 -6.36 5.65 14.95
N CYS A 267 -7.06 4.59 14.55
CA CYS A 267 -7.63 3.66 15.53
C CYS A 267 -6.53 2.93 16.29
N PHE A 268 -5.48 2.49 15.59
CA PHE A 268 -4.37 1.80 16.22
C PHE A 268 -3.58 2.75 17.12
N LEU A 269 -3.40 4.00 16.68
CA LEU A 269 -2.70 4.98 17.51
C LEU A 269 -3.49 5.29 18.77
N SER A 270 -4.82 5.43 18.66
CA SER A 270 -5.65 5.70 19.82
C SER A 270 -5.63 4.55 20.81
N ASN A 271 -5.52 3.31 20.31
CA ASN A 271 -5.50 2.15 21.19
C ASN A 271 -4.15 1.99 21.88
N ILE A 272 -3.06 2.40 21.23
CA ILE A 272 -1.74 2.28 21.84
C ILE A 272 -1.59 3.24 23.01
N TRP A 273 -1.97 4.51 22.81
CA TRP A 273 -1.82 5.53 23.84
C TRP A 273 -3.05 5.66 24.72
N LYS A 274 -4.04 4.79 24.56
CA LYS A 274 -5.29 4.81 25.34
C LYS A 274 -5.94 6.20 25.30
N LYS A 275 -6.25 6.65 24.09
CA LYS A 275 -6.90 7.92 23.86
C LYS A 275 -8.28 7.69 23.24
N GLU A 276 -9.07 8.77 23.16
CA GLU A 276 -10.40 8.69 22.59
C GLU A 276 -10.33 8.23 21.14
N ASN A 277 -11.07 7.17 20.82
CA ASN A 277 -11.03 6.52 19.52
C ASN A 277 -12.33 6.77 18.78
N GLN A 278 -12.29 7.62 17.76
CA GLN A 278 -13.44 7.86 16.89
C GLN A 278 -13.28 7.21 15.54
N TRP A 279 -12.37 6.24 15.41
CA TRP A 279 -12.05 5.63 14.13
C TRP A 279 -12.23 4.12 14.17
N VAL A 280 -13.07 3.63 15.07
CA VAL A 280 -13.33 2.19 15.17
C VAL A 280 -14.25 1.78 14.02
N ASN A 281 -13.81 0.78 13.25
CA ASN A 281 -14.56 0.31 12.09
C ASN A 281 -15.53 -0.77 12.54
N TYR A 282 -16.83 -0.50 12.42
CA TYR A 282 -17.87 -1.46 12.80
C TYR A 282 -18.51 -2.15 11.60
N ASN A 283 -18.31 -1.65 10.39
CA ASN A 283 -18.95 -2.18 9.19
C ASN A 283 -17.87 -2.59 8.19
N SER A 284 -17.09 -3.61 8.54
CA SER A 284 -16.03 -4.09 7.66
C SER A 284 -15.67 -5.52 8.04
N ASP A 285 -15.32 -6.31 7.04
CA ASP A 285 -14.90 -7.70 7.22
C ASP A 285 -13.40 -7.89 7.00
N ASN A 286 -12.66 -6.80 6.80
CA ASN A 286 -11.22 -6.89 6.65
C ASN A 286 -10.58 -7.36 7.94
N ILE A 287 -9.63 -8.29 7.80
CA ILE A 287 -8.99 -8.89 8.97
C ILE A 287 -8.35 -7.82 9.85
N LYS A 288 -7.67 -6.84 9.25
CA LYS A 288 -6.91 -5.86 10.04
C LYS A 288 -7.83 -4.91 10.78
N TYR A 289 -8.94 -4.49 10.15
CA TYR A 289 -9.88 -3.60 10.81
C TYR A 289 -10.69 -4.34 11.86
N LEU A 290 -10.90 -5.65 11.68
CA LEU A 290 -11.55 -6.44 12.72
C LEU A 290 -10.64 -6.58 13.94
N GLN A 291 -9.33 -6.74 13.72
CA GLN A 291 -8.40 -6.79 14.83
C GLN A 291 -8.40 -5.48 15.61
N LEU A 292 -8.42 -4.35 14.90
CA LEU A 292 -8.40 -3.05 15.56
C LEU A 292 -9.65 -2.83 16.40
N ARG A 293 -10.81 -3.27 15.91
CA ARG A 293 -12.02 -3.22 16.73
C ARG A 293 -11.88 -4.10 17.95
N ALA A 294 -11.23 -5.26 17.80
CA ALA A 294 -10.97 -6.11 18.97
C ALA A 294 -9.96 -5.45 19.91
N PHE A 295 -8.90 -4.86 19.35
CA PHE A 295 -7.98 -4.07 20.16
C PHE A 295 -8.73 -2.98 20.93
N TYR A 296 -9.66 -2.30 20.28
CA TYR A 296 -10.47 -1.29 20.95
C TYR A 296 -11.28 -1.91 22.09
N TYR A 297 -11.94 -3.05 21.82
CA TYR A 297 -12.74 -3.69 22.84
C TYR A 297 -11.89 -4.11 24.04
N ILE A 298 -10.64 -4.50 23.81
CA ILE A 298 -9.76 -4.87 24.91
C ILE A 298 -9.52 -3.67 25.83
N ASN A 299 -9.21 -2.51 25.24
CA ASN A 299 -8.99 -1.31 26.04
C ASN A 299 -10.27 -0.86 26.73
N GLN A 300 -11.43 -1.16 26.15
CA GLN A 300 -12.69 -0.81 26.81
C GLN A 300 -13.00 -1.73 27.98
N GLY A 301 -12.54 -2.98 27.93
CA GLY A 301 -12.89 -3.98 28.90
C GLY A 301 -13.94 -4.97 28.45
N ASN A 302 -14.45 -4.81 27.22
CA ASN A 302 -15.44 -5.73 26.66
C ASN A 302 -14.68 -6.96 26.17
N ILE A 303 -14.29 -7.81 27.13
CA ILE A 303 -13.54 -9.01 26.80
C ILE A 303 -14.40 -9.99 26.02
N GLU A 304 -15.70 -10.08 26.35
CA GLU A 304 -16.58 -11.04 25.68
C GLU A 304 -16.64 -10.80 24.17
N GLU A 305 -16.69 -9.54 23.76
CA GLU A 305 -16.77 -9.26 22.32
C GLU A 305 -15.42 -9.07 21.67
N ALA A 306 -14.37 -8.77 22.44
CA ALA A 306 -13.02 -8.89 21.91
C ALA A 306 -12.69 -10.35 21.61
N THR A 307 -13.05 -11.24 22.53
CA THR A 307 -12.82 -12.67 22.31
C THR A 307 -13.61 -13.18 21.11
N GLU A 308 -14.86 -12.74 20.97
CA GLU A 308 -15.67 -13.18 19.83
C GLU A 308 -15.06 -12.75 18.50
N ILE A 309 -14.51 -11.54 18.43
CA ILE A 309 -13.84 -11.10 17.21
C ILE A 309 -12.65 -12.00 16.93
N LEU A 310 -11.76 -12.17 17.92
CA LEU A 310 -10.64 -13.08 17.78
C LEU A 310 -11.07 -14.51 17.53
N ASP A 311 -12.28 -14.88 17.96
CA ASP A 311 -12.77 -16.23 17.72
C ASP A 311 -13.05 -16.47 16.24
N GLU A 312 -13.72 -15.51 15.58
CA GLU A 312 -14.02 -15.68 14.17
C GLU A 312 -12.77 -15.52 13.31
N LEU A 313 -11.84 -14.65 13.71
CA LEU A 313 -10.58 -14.52 12.98
C LEU A 313 -9.80 -15.83 12.97
N SER A 314 -9.97 -16.69 13.97
CA SER A 314 -9.30 -17.98 13.95
C SER A 314 -9.75 -18.84 12.79
N SER A 315 -10.92 -18.58 12.23
CA SER A 315 -11.40 -19.27 11.04
C SER A 315 -11.08 -18.53 9.75
N ARG A 316 -10.35 -17.42 9.82
CA ARG A 316 -9.92 -16.68 8.65
C ARG A 316 -8.43 -16.95 8.40
N ASP A 317 -8.02 -16.83 7.14
CA ASP A 317 -6.62 -17.09 6.79
C ASP A 317 -5.85 -15.79 6.92
N GLN A 318 -5.27 -15.58 8.09
CA GLN A 318 -4.45 -14.41 8.35
C GLN A 318 -3.01 -14.68 7.94
N ASP A 319 -2.36 -13.64 7.42
CA ASP A 319 -0.97 -13.78 7.02
C ASP A 319 -0.08 -13.75 8.26
N GLU A 320 1.21 -14.02 8.05
CA GLU A 320 2.13 -14.20 9.17
C GLU A 320 2.23 -12.94 10.04
N ASN A 321 2.15 -11.76 9.43
CA ASN A 321 2.21 -10.54 10.22
C ASN A 321 0.91 -10.27 10.95
N GLU A 322 -0.23 -10.54 10.30
CA GLU A 322 -1.52 -10.41 10.98
C GLU A 322 -1.60 -11.37 12.16
N LEU A 323 -1.04 -12.58 12.03
CA LEU A 323 -1.00 -13.52 13.13
C LEU A 323 -0.11 -13.03 14.27
N GLY A 324 0.90 -12.20 13.98
CA GLY A 324 1.69 -11.62 15.05
C GLY A 324 0.86 -10.70 15.93
N PHE A 325 0.10 -9.80 15.32
CA PHE A 325 -0.81 -8.95 16.08
C PHE A 325 -1.90 -9.78 16.74
N TYR A 326 -2.43 -10.77 16.03
CA TYR A 326 -3.54 -11.58 16.54
C TYR A 326 -3.18 -12.22 17.88
N TYR A 327 -2.00 -12.82 17.97
CA TYR A 327 -1.59 -13.44 19.23
C TYR A 327 -1.14 -12.42 20.26
N TYR A 328 -0.73 -11.23 19.84
CA TYR A 328 -0.48 -10.17 20.81
C TYR A 328 -1.77 -9.72 21.49
N TYR A 329 -2.83 -9.48 20.70
CA TYR A 329 -4.13 -9.16 21.28
C TYR A 329 -4.65 -10.30 22.13
N LYS A 330 -4.36 -11.55 21.76
CA LYS A 330 -4.76 -12.68 22.60
C LYS A 330 -4.02 -12.65 23.93
N GLY A 331 -2.73 -12.29 23.91
CA GLY A 331 -1.98 -12.20 25.14
C GLY A 331 -2.48 -11.12 26.09
N LEU A 332 -2.93 -9.99 25.56
CA LEU A 332 -3.47 -8.94 26.41
C LEU A 332 -4.74 -9.38 27.13
N ILE A 333 -5.43 -10.39 26.61
CA ILE A 333 -6.66 -10.89 27.22
C ILE A 333 -6.36 -12.02 28.20
N SER A 334 -5.58 -13.01 27.78
CA SER A 334 -5.37 -14.22 28.56
C SER A 334 -4.19 -14.12 29.51
N GLN A 335 -3.32 -13.12 29.35
CA GLN A 335 -2.08 -12.97 30.12
C GLN A 335 -1.11 -14.13 29.93
N ASP A 336 -1.39 -15.02 28.97
CA ASP A 336 -0.54 -16.18 28.74
C ASP A 336 0.70 -15.75 27.97
N LYS A 337 1.87 -15.93 28.59
CA LYS A 337 3.11 -15.57 27.92
C LYS A 337 3.39 -16.45 26.70
N THR A 338 2.77 -17.63 26.62
CA THR A 338 2.90 -18.44 25.42
C THR A 338 2.22 -17.77 24.23
N ASP A 339 1.17 -16.99 24.47
CA ASP A 339 0.58 -16.19 23.39
C ASP A 339 1.55 -15.11 22.91
N TYR A 340 2.27 -14.48 23.84
CA TYR A 340 3.29 -13.52 23.45
C TYR A 340 4.45 -14.21 22.75
N ALA A 341 4.83 -15.41 23.19
CA ALA A 341 5.86 -16.19 22.50
C ALA A 341 5.48 -16.43 21.05
N LYS A 342 4.26 -16.91 20.81
CA LYS A 342 3.85 -17.20 19.44
C LYS A 342 3.65 -15.91 18.64
N SER A 343 3.28 -14.81 19.28
CA SER A 343 3.23 -13.53 18.59
C SER A 343 4.61 -13.15 18.06
N ILE A 344 5.64 -13.29 18.91
CA ILE A 344 7.01 -12.97 18.54
C ILE A 344 7.47 -13.83 17.36
N ARG A 345 7.23 -15.15 17.44
CA ARG A 345 7.64 -16.04 16.35
C ARG A 345 7.01 -15.63 15.03
N TYR A 346 5.78 -15.21 15.08
CA TYR A 346 5.10 -14.80 13.88
C TYR A 346 5.64 -13.50 13.37
N PHE A 347 6.05 -12.64 14.26
CA PHE A 347 6.65 -11.37 13.87
C PHE A 347 8.04 -11.58 13.27
N LYS A 348 8.82 -12.49 13.83
CA LYS A 348 10.10 -12.84 13.24
C LYS A 348 9.94 -13.59 11.92
N LYS A 349 8.91 -14.44 11.80
CA LYS A 349 8.67 -15.13 10.54
C LYS A 349 8.36 -14.14 9.41
N SER A 350 7.52 -13.13 9.68
CA SER A 350 7.26 -12.12 8.67
C SER A 350 8.40 -11.11 8.57
N ASP A 351 9.39 -11.19 9.45
CA ASP A 351 10.53 -10.26 9.48
C ASP A 351 10.07 -8.83 9.76
N ASP A 352 9.34 -8.68 10.86
CA ASP A 352 8.86 -7.37 11.32
C ASP A 352 9.67 -7.03 12.57
N LYS A 353 10.67 -6.18 12.39
CA LYS A 353 11.51 -5.78 13.51
C LYS A 353 10.99 -4.55 14.24
N TYR A 354 9.88 -3.98 13.81
CA TYR A 354 9.33 -2.76 14.38
C TYR A 354 8.21 -3.06 15.40
N PHE A 355 7.12 -3.68 14.96
CA PHE A 355 6.00 -3.95 15.84
C PHE A 355 6.22 -5.15 16.75
N ILE A 356 7.31 -5.90 16.55
CA ILE A 356 7.66 -6.98 17.45
C ILE A 356 7.92 -6.48 18.87
N GLN A 357 8.17 -5.18 19.04
CA GLN A 357 8.40 -4.63 20.37
C GLN A 357 7.14 -4.59 21.22
N LEU A 358 5.98 -4.91 20.66
CA LEU A 358 4.74 -4.88 21.42
C LEU A 358 4.60 -6.12 22.30
N PRO A 359 4.75 -7.35 21.77
CA PRO A 359 4.78 -8.50 22.69
C PRO A 359 6.04 -8.55 23.54
N LEU A 360 7.19 -8.09 23.03
CA LEU A 360 8.41 -8.06 23.84
C LEU A 360 8.23 -7.16 25.06
N LEU A 361 7.62 -5.99 24.86
CA LEU A 361 7.44 -5.06 25.98
C LEU A 361 6.45 -5.61 27.00
N GLN A 362 5.41 -6.30 26.53
CA GLN A 362 4.37 -6.76 27.44
C GLN A 362 4.85 -7.88 28.37
N LEU A 363 5.89 -8.61 27.99
CA LEU A 363 6.45 -9.60 28.93
C LEU A 363 7.59 -9.03 29.75
N GLU A 364 8.22 -7.94 29.32
CA GLU A 364 9.15 -7.24 30.20
C GLU A 364 8.43 -6.66 31.41
N ARG A 365 7.15 -6.30 31.24
CA ARG A 365 6.35 -5.86 32.38
C ARG A 365 6.02 -7.03 33.31
N MET A 366 5.83 -8.22 32.75
CA MET A 366 5.48 -9.39 33.56
C MET A 366 6.66 -9.94 34.33
N GLY A 367 7.88 -9.66 33.91
CA GLY A 367 9.07 -10.15 34.59
C GLY A 367 9.84 -11.17 33.78
N SER B 1 -4.10 -4.72 14.26
CA SER B 1 -2.96 -4.62 13.35
C SER B 1 -2.77 -3.19 12.86
N ALA B 2 -1.53 -2.71 12.87
CA ALA B 2 -1.24 -1.41 12.31
C ALA B 2 -1.43 -1.43 10.80
N ILE B 3 -1.62 -0.25 10.21
CA ILE B 3 -1.93 -0.12 8.80
C ILE B 3 -0.72 0.47 8.08
N ARG B 4 -0.15 -0.28 7.17
CA ARG B 4 0.98 0.11 6.37
C ARG B 4 0.52 0.24 4.96
N GLY B 5 1.21 1.02 4.14
CA GLY B 5 0.86 1.15 2.74
C GLY B 5 1.89 1.88 1.92
N ALA B 6 1.90 1.61 0.62
CA ALA B 6 2.84 2.23 -0.31
C ALA B 6 2.13 2.48 -1.65
#